data_6M5N
#
_entry.id   6M5N
#
_cell.length_a   71.629
_cell.length_b   96.507
_cell.length_c   142.562
_cell.angle_alpha   90.000
_cell.angle_beta   90.000
_cell.angle_gamma   90.000
#
_symmetry.space_group_name_H-M   'F 2 2 2'
#
loop_
_entity.id
_entity.type
_entity.pdbx_description
1 polymer 'Borneol dehydrogenase'
2 non-polymer 'SULFATE ION'
3 non-polymer 'ACETATE ION'
4 water water
#
_entity_poly.entity_id   1
_entity_poly.type   'polypeptide(L)'
_entity_poly.pdbx_seq_one_letter_code
;MKLLEGKRIIVTGGAQGIGASVVRAYIAAGATVASMDMNDTLGQQVVSEAGKANPGCKSRYYHCNIADRPEVEKAFATAA
EDMGGLDVMVNVAGVHRHSPPDAIAEELYDMLFRVNVLGTINTNAVAYRLMKGQGIGNIINFGSESGLTGEINNALYSAT
KAAVHTWTRNVARQWGPDGIRINAVLPYMVTPMYVDFRNALSSEDLAAHDAATKTDIPLGGKFGDADKDLAPVMVFLASD
ASHFMTGQMFPVDGGLIAVR
;
_entity_poly.pdbx_strand_id   A
#
loop_
_chem_comp.id
_chem_comp.type
_chem_comp.name
_chem_comp.formula
ACT non-polymer 'ACETATE ION' 'C2 H3 O2 -1'
SO4 non-polymer 'SULFATE ION' 'O4 S -2'
#
# COMPACT_ATOMS: atom_id res chain seq x y z
N LYS A 2 -12.31 -8.50 17.74
CA LYS A 2 -11.87 -8.20 16.38
C LYS A 2 -10.35 -8.10 16.38
N LEU A 3 -9.72 -8.60 15.31
CA LEU A 3 -8.27 -8.71 15.27
C LEU A 3 -7.53 -7.38 15.41
N LEU A 4 -8.13 -6.26 14.99
CA LEU A 4 -7.44 -4.98 15.09
C LEU A 4 -8.15 -4.02 16.05
N GLU A 5 -8.92 -4.55 16.99
CA GLU A 5 -9.69 -3.75 17.93
C GLU A 5 -8.84 -2.69 18.62
N GLY A 6 -9.28 -1.43 18.48
CA GLY A 6 -8.57 -0.31 19.08
C GLY A 6 -7.31 0.16 18.37
N LYS A 7 -6.83 -0.55 17.36
CA LYS A 7 -5.61 -0.10 16.70
C LYS A 7 -5.86 1.23 16.00
N ARG A 8 -4.88 2.11 16.07
CA ARG A 8 -4.93 3.46 15.51
C ARG A 8 -4.09 3.44 14.24
N ILE A 9 -4.75 3.44 13.08
CA ILE A 9 -4.06 3.24 11.82
C ILE A 9 -4.31 4.33 10.80
N ILE A 10 -3.23 4.78 10.14
CA ILE A 10 -3.30 5.71 9.03
C ILE A 10 -3.10 4.87 7.78
N VAL A 11 -3.93 5.10 6.76
CA VAL A 11 -3.79 4.43 5.47
C VAL A 11 -3.80 5.48 4.37
N THR A 12 -2.72 5.56 3.60
CA THR A 12 -2.69 6.50 2.49
C THR A 12 -3.17 5.81 1.22
N GLY A 13 -3.69 6.60 0.29
CA GLY A 13 -4.22 6.04 -0.94
C GLY A 13 -5.54 5.35 -0.77
N GLY A 14 -6.30 5.71 0.27
CA GLY A 14 -7.57 5.11 0.61
C GLY A 14 -8.75 5.37 -0.32
N ALA A 15 -8.60 6.21 -1.36
CA ALA A 15 -9.75 6.52 -2.20
C ALA A 15 -10.11 5.47 -3.23
N GLN A 16 -9.17 4.62 -3.63
CA GLN A 16 -9.48 3.66 -4.68
C GLN A 16 -8.58 2.43 -4.59
N GLY A 17 -8.93 1.43 -5.41
CA GLY A 17 -8.19 0.19 -5.56
C GLY A 17 -7.73 -0.48 -4.29
N ILE A 18 -6.45 -0.89 -4.29
CA ILE A 18 -5.85 -1.59 -3.15
C ILE A 18 -6.03 -0.79 -1.88
N GLY A 19 -5.69 0.51 -1.92
CA GLY A 19 -5.81 1.34 -0.73
C GLY A 19 -7.21 1.33 -0.14
N ALA A 20 -8.24 1.41 -1.00
CA ALA A 20 -9.60 1.38 -0.51
C ALA A 20 -9.93 0.02 0.12
N SER A 21 -9.38 -1.06 -0.44
CA SER A 21 -9.60 -2.38 0.15
C SER A 21 -8.96 -2.50 1.53
N VAL A 22 -7.82 -1.83 1.75
CA VAL A 22 -7.18 -1.88 3.07
C VAL A 22 -8.05 -1.12 4.08
N VAL A 23 -8.51 0.08 3.72
CA VAL A 23 -9.41 0.83 4.60
C VAL A 23 -10.60 -0.03 4.99
N ARG A 24 -11.28 -0.62 4.00
CA ARG A 24 -12.42 -1.50 4.28
C ARG A 24 -12.03 -2.64 5.22
N ALA A 25 -10.94 -3.33 4.91
CA ALA A 25 -10.48 -4.46 5.73
C ALA A 25 -10.21 -4.04 7.16
N TYR A 26 -9.50 -2.93 7.35
CA TYR A 26 -9.15 -2.48 8.68
C TYR A 26 -10.37 -2.02 9.47
N ILE A 27 -11.30 -1.31 8.83
CA ILE A 27 -12.51 -0.89 9.51
C ILE A 27 -13.30 -2.12 9.95
N ALA A 28 -13.43 -3.11 9.06
CA ALA A 28 -14.13 -4.35 9.40
C ALA A 28 -13.44 -5.09 10.54
N ALA A 29 -12.12 -4.97 10.66
CA ALA A 29 -11.36 -5.62 11.72
C ALA A 29 -11.36 -4.84 13.04
N GLY A 30 -12.16 -3.78 13.15
CA GLY A 30 -12.26 -3.03 14.40
C GLY A 30 -11.25 -1.93 14.63
N ALA A 31 -10.41 -1.62 13.64
CA ALA A 31 -9.43 -0.56 13.80
C ALA A 31 -10.07 0.81 13.68
N THR A 32 -9.42 1.80 14.30
CA THR A 32 -9.78 3.19 14.13
C THR A 32 -8.94 3.59 12.93
N VAL A 33 -9.58 4.01 11.84
CA VAL A 33 -8.86 4.24 10.60
C VAL A 33 -8.91 5.69 10.15
N ALA A 34 -7.73 6.25 9.88
CA ALA A 34 -7.54 7.58 9.34
C ALA A 34 -7.15 7.35 7.88
N SER A 35 -8.10 7.49 6.97
CA SER A 35 -7.82 7.28 5.55
C SER A 35 -7.43 8.60 4.90
N MET A 36 -6.37 8.57 4.08
CA MET A 36 -5.90 9.78 3.41
C MET A 36 -5.72 9.55 1.91
N ASP A 37 -5.94 10.61 1.15
CA ASP A 37 -5.79 10.58 -0.30
C ASP A 37 -5.84 12.03 -0.77
N MET A 38 -5.85 12.20 -2.10
CA MET A 38 -6.00 13.50 -2.72
C MET A 38 -7.37 13.66 -3.37
N ASN A 39 -8.03 12.55 -3.68
CA ASN A 39 -9.37 12.53 -4.27
C ASN A 39 -10.34 12.50 -3.09
N ASP A 40 -10.67 13.70 -2.58
CA ASP A 40 -11.48 13.83 -1.37
C ASP A 40 -12.87 13.21 -1.50
N THR A 41 -13.55 13.41 -2.63
CA THR A 41 -14.89 12.84 -2.79
C THR A 41 -14.85 11.33 -2.73
N LEU A 42 -13.94 10.73 -3.49
CA LEU A 42 -13.82 9.27 -3.51
C LEU A 42 -13.31 8.76 -2.17
N GLY A 43 -12.32 9.44 -1.58
CA GLY A 43 -11.81 9.03 -0.29
C GLY A 43 -12.90 8.95 0.76
N GLN A 44 -13.73 10.00 0.85
CA GLN A 44 -14.80 10.01 1.85
C GLN A 44 -15.84 8.94 1.53
N GLN A 45 -16.15 8.77 0.25
CA GLN A 45 -17.11 7.77 -0.19
C GLN A 45 -16.72 6.38 0.32
N VAL A 46 -15.44 6.06 0.21
CA VAL A 46 -14.95 4.76 0.68
C VAL A 46 -15.17 4.64 2.19
N VAL A 47 -14.76 5.66 2.94
CA VAL A 47 -14.92 5.62 4.39
C VAL A 47 -16.39 5.52 4.77
N SER A 48 -17.24 6.28 4.08
CA SER A 48 -18.68 6.27 4.35
C SER A 48 -19.30 4.91 4.07
N GLU A 49 -18.99 4.31 2.93
CA GLU A 49 -19.51 2.98 2.61
C GLU A 49 -18.99 1.92 3.58
N ALA A 50 -17.71 1.99 3.94
CA ALA A 50 -17.18 1.03 4.89
C ALA A 50 -17.86 1.17 6.25
N GLY A 51 -18.23 2.39 6.62
CA GLY A 51 -18.96 2.58 7.88
C GLY A 51 -20.32 1.94 7.86
N LYS A 52 -21.02 2.04 6.72
CA LYS A 52 -22.35 1.45 6.59
C LYS A 52 -22.33 -0.03 6.93
N ALA A 53 -21.27 -0.72 6.52
CA ALA A 53 -21.12 -2.14 6.77
C ALA A 53 -20.61 -2.45 8.17
N ASN A 54 -20.17 -1.45 8.93
CA ASN A 54 -19.68 -1.64 10.28
C ASN A 54 -20.20 -0.51 11.16
N PRO A 55 -21.51 -0.48 11.41
CA PRO A 55 -22.10 0.64 12.16
C PRO A 55 -21.41 0.89 13.49
N GLY A 56 -21.10 2.15 13.75
CA GLY A 56 -20.45 2.57 14.98
C GLY A 56 -18.94 2.61 14.91
N CYS A 57 -18.36 2.37 13.73
CA CYS A 57 -16.91 2.42 13.55
C CYS A 57 -16.41 3.84 13.77
N LYS A 58 -15.10 3.95 14.02
CA LYS A 58 -14.45 5.22 14.26
C LYS A 58 -13.51 5.41 13.09
N SER A 59 -13.79 6.41 12.26
CA SER A 59 -13.01 6.60 11.05
C SER A 59 -13.14 8.03 10.58
N ARG A 60 -12.14 8.46 9.82
CA ARG A 60 -12.13 9.82 9.29
C ARG A 60 -11.24 9.84 8.05
N TYR A 61 -11.61 10.72 7.11
CA TYR A 61 -10.85 10.94 5.89
C TYR A 61 -10.08 12.25 6.01
N TYR A 62 -8.85 12.25 5.51
CA TYR A 62 -8.02 13.44 5.50
C TYR A 62 -7.35 13.63 4.15
N HIS A 63 -7.36 14.87 3.67
CA HIS A 63 -6.69 15.19 2.42
C HIS A 63 -5.18 15.24 2.68
N CYS A 64 -4.40 14.56 1.85
CA CYS A 64 -2.95 14.60 2.02
C CYS A 64 -2.22 14.20 0.75
N ASN A 65 -1.26 15.04 0.36
CA ASN A 65 -0.35 14.80 -0.75
C ASN A 65 0.93 14.24 -0.12
N ILE A 66 1.10 12.91 -0.15
CA ILE A 66 2.27 12.28 0.46
C ILE A 66 3.60 12.80 -0.10
N ALA A 67 3.58 13.42 -1.28
CA ALA A 67 4.81 13.95 -1.84
C ALA A 67 5.22 15.26 -1.18
N ASP A 68 4.30 15.91 -0.47
CA ASP A 68 4.56 17.19 0.20
C ASP A 68 4.75 16.93 1.69
N ARG A 69 6.00 16.92 2.14
CA ARG A 69 6.27 16.65 3.56
C ARG A 69 5.51 17.56 4.52
N PRO A 70 5.42 18.89 4.32
CA PRO A 70 4.64 19.71 5.26
C PRO A 70 3.20 19.26 5.37
N GLU A 71 2.63 18.83 4.25
CA GLU A 71 1.27 18.32 4.26
C GLU A 71 1.19 17.01 5.05
N VAL A 72 2.15 16.11 4.84
CA VAL A 72 2.15 14.85 5.59
C VAL A 72 2.25 15.13 7.08
N GLU A 73 3.16 16.01 7.47
CA GLU A 73 3.34 16.36 8.88
C GLU A 73 2.04 16.85 9.51
N LYS A 74 1.38 17.80 8.86
CA LYS A 74 0.15 18.36 9.40
C LYS A 74 -0.97 17.32 9.46
N ALA A 75 -1.21 16.62 8.35
CA ALA A 75 -2.28 15.62 8.28
C ALA A 75 -2.05 14.47 9.26
N PHE A 76 -0.83 13.90 9.26
CA PHE A 76 -0.54 12.80 10.19
C PHE A 76 -0.72 13.25 11.65
N ALA A 77 -0.22 14.45 11.99
CA ALA A 77 -0.37 14.93 13.37
C ALA A 77 -1.84 15.12 13.75
N THR A 78 -2.65 15.63 12.81
CA THR A 78 -4.08 15.81 13.07
C THR A 78 -4.75 14.46 13.29
N ALA A 79 -4.41 13.48 12.46
CA ALA A 79 -4.99 12.15 12.61
C ALA A 79 -4.60 11.53 13.95
N ALA A 80 -3.30 11.62 14.30
CA ALA A 80 -2.85 11.05 15.56
C ALA A 80 -3.55 11.72 16.74
N GLU A 81 -3.78 13.03 16.65
CA GLU A 81 -4.50 13.72 17.72
C GLU A 81 -5.94 13.23 17.81
N ASP A 82 -6.62 13.10 16.67
CA ASP A 82 -8.00 12.60 16.66
C ASP A 82 -8.09 11.20 17.27
N MET A 83 -7.13 10.34 16.95
CA MET A 83 -7.12 8.97 17.44
C MET A 83 -6.54 8.79 18.83
N GLY A 84 -5.76 9.76 19.32
CA GLY A 84 -5.11 9.60 20.60
C GLY A 84 -3.76 8.94 20.50
N GLY A 85 -3.23 8.77 19.29
CA GLY A 85 -1.95 8.13 19.09
C GLY A 85 -1.88 7.55 17.69
N LEU A 86 -0.83 6.77 17.46
CA LEU A 86 -0.63 6.16 16.15
C LEU A 86 0.10 4.84 16.33
N ASP A 87 -0.53 3.75 15.90
CA ASP A 87 0.03 2.42 16.02
C ASP A 87 0.57 1.88 14.71
N VAL A 88 -0.12 2.11 13.60
CA VAL A 88 0.25 1.58 12.30
C VAL A 88 0.07 2.65 11.22
N MET A 89 0.97 2.67 10.25
CA MET A 89 0.87 3.57 9.11
C MET A 89 1.12 2.72 7.87
N VAL A 90 0.12 2.63 7.00
CA VAL A 90 0.19 1.85 5.78
C VAL A 90 0.21 2.81 4.60
N ASN A 91 1.28 2.77 3.80
CA ASN A 91 1.43 3.65 2.65
C ASN A 91 1.07 2.90 1.38
N VAL A 92 -0.15 3.07 0.92
CA VAL A 92 -0.63 2.42 -0.29
C VAL A 92 -0.57 3.35 -1.50
N ALA A 93 -0.60 4.65 -1.30
CA ALA A 93 -0.56 5.61 -2.41
C ALA A 93 0.60 5.29 -3.34
N GLY A 94 0.33 5.31 -4.64
CA GLY A 94 1.35 5.05 -5.65
C GLY A 94 0.78 5.32 -7.01
N VAL A 95 1.68 5.41 -8.00
CA VAL A 95 1.26 5.67 -9.38
C VAL A 95 1.92 4.64 -10.29
N HIS A 96 1.20 4.30 -11.36
CA HIS A 96 1.65 3.34 -12.36
C HIS A 96 1.66 4.01 -13.72
N ARG A 97 2.64 3.64 -14.55
CA ARG A 97 2.73 4.15 -15.91
C ARG A 97 3.79 3.35 -16.65
N HIS A 98 3.42 2.75 -17.77
CA HIS A 98 4.37 1.99 -18.57
C HIS A 98 5.06 2.93 -19.55
N SER A 99 6.22 2.49 -20.03
CA SER A 99 6.98 3.27 -21.00
C SER A 99 8.13 2.45 -21.56
N PRO A 100 8.42 2.54 -22.85
CA PRO A 100 9.62 1.88 -23.35
C PRO A 100 10.78 2.48 -22.61
N PRO A 101 11.74 1.68 -22.14
CA PRO A 101 12.79 2.23 -21.28
C PRO A 101 13.71 3.25 -21.94
N ASP A 102 13.75 3.32 -23.28
CA ASP A 102 14.60 4.29 -23.96
C ASP A 102 13.88 5.60 -24.27
N ALA A 103 12.59 5.71 -23.93
CA ALA A 103 11.81 6.89 -24.26
C ALA A 103 11.16 7.55 -23.05
N ILE A 104 11.81 7.51 -21.89
CA ILE A 104 11.24 8.07 -20.68
C ILE A 104 11.54 9.56 -20.59
N ALA A 105 10.49 10.37 -20.59
CA ALA A 105 10.62 11.82 -20.46
C ALA A 105 10.97 12.16 -19.02
N GLU A 106 11.78 13.21 -18.84
CA GLU A 106 12.15 13.63 -17.50
C GLU A 106 10.92 13.83 -16.61
N GLU A 107 9.84 14.40 -17.16
CA GLU A 107 8.64 14.65 -16.38
C GLU A 107 8.02 13.34 -15.90
N LEU A 108 8.12 12.28 -16.70
CA LEU A 108 7.56 11.00 -16.30
C LEU A 108 8.39 10.41 -15.17
N TYR A 109 9.71 10.42 -15.33
CA TYR A 109 10.62 9.93 -14.29
C TYR A 109 10.32 10.65 -12.97
N ASP A 110 10.23 11.98 -13.04
CA ASP A 110 10.02 12.77 -11.84
C ASP A 110 8.74 12.41 -11.12
N MET A 111 7.63 12.30 -11.87
CA MET A 111 6.35 11.96 -11.28
C MET A 111 6.35 10.60 -10.60
N LEU A 112 6.87 9.58 -11.28
CA LEU A 112 6.84 8.25 -10.69
C LEU A 112 7.72 8.16 -9.45
N PHE A 113 8.91 8.73 -9.48
CA PHE A 113 9.75 8.65 -8.29
C PHE A 113 9.21 9.55 -7.17
N ARG A 114 8.67 10.72 -7.52
CA ARG A 114 8.12 11.61 -6.51
C ARG A 114 7.02 10.93 -5.70
N VAL A 115 6.02 10.34 -6.36
CA VAL A 115 4.94 9.69 -5.63
C VAL A 115 5.38 8.38 -4.98
N ASN A 116 5.98 7.47 -5.77
CA ASN A 116 6.32 6.14 -5.24
C ASN A 116 7.48 6.14 -4.25
N VAL A 117 8.48 7.00 -4.43
CA VAL A 117 9.67 6.98 -3.57
C VAL A 117 9.66 8.10 -2.54
N LEU A 118 9.57 9.36 -2.98
CA LEU A 118 9.51 10.46 -2.01
C LEU A 118 8.30 10.30 -1.10
N GLY A 119 7.17 9.86 -1.65
CA GLY A 119 5.99 9.64 -0.83
C GLY A 119 6.26 8.63 0.26
N THR A 120 6.99 7.55 -0.08
CA THR A 120 7.34 6.54 0.91
C THR A 120 8.22 7.16 1.99
N ILE A 121 9.26 7.87 1.57
CA ILE A 121 10.19 8.53 2.49
C ILE A 121 9.45 9.47 3.43
N ASN A 122 8.63 10.37 2.87
CA ASN A 122 7.89 11.34 3.70
C ASN A 122 6.97 10.64 4.70
N THR A 123 6.11 9.72 4.22
CA THR A 123 5.18 9.06 5.13
C THR A 123 5.92 8.26 6.20
N ASN A 124 6.94 7.50 5.80
CA ASN A 124 7.72 6.73 6.77
C ASN A 124 8.36 7.64 7.82
N ALA A 125 8.99 8.74 7.37
CA ALA A 125 9.67 9.65 8.29
C ALA A 125 8.71 10.25 9.30
N VAL A 126 7.56 10.75 8.84
CA VAL A 126 6.61 11.38 9.75
C VAL A 126 6.02 10.36 10.70
N ALA A 127 5.68 9.17 10.19
CA ALA A 127 5.17 8.11 11.06
C ALA A 127 6.20 7.75 12.11
N TYR A 128 7.46 7.60 11.71
CA TYR A 128 8.52 7.28 12.66
C TYR A 128 8.56 8.28 13.80
N ARG A 129 8.58 9.58 13.46
CA ARG A 129 8.65 10.61 14.48
C ARG A 129 7.45 10.57 15.42
N LEU A 130 6.25 10.25 14.89
CA LEU A 130 5.08 10.17 15.74
C LEU A 130 5.08 8.93 16.64
N MET A 131 5.72 7.83 16.21
CA MET A 131 5.74 6.58 16.96
C MET A 131 6.95 6.40 17.88
N LYS A 132 8.06 7.06 17.59
CA LYS A 132 9.29 6.86 18.37
C LYS A 132 9.08 6.97 19.88
N GLY A 133 8.42 8.05 20.33
CA GLY A 133 8.23 8.26 21.76
C GLY A 133 7.59 7.11 22.51
N GLN A 134 6.66 6.39 21.87
CA GLN A 134 5.97 5.30 22.55
C GLN A 134 6.77 4.00 22.56
N GLY A 135 7.90 3.95 21.86
CA GLY A 135 8.75 2.77 21.83
C GLY A 135 8.27 1.61 20.98
N ILE A 136 7.21 1.78 20.20
CA ILE A 136 6.68 0.71 19.36
C ILE A 136 5.95 1.34 18.19
N GLY A 137 5.99 0.68 17.05
CA GLY A 137 5.33 1.21 15.87
C GLY A 137 5.42 0.21 14.74
N ASN A 138 4.54 0.40 13.76
CA ASN A 138 4.38 -0.50 12.64
C ASN A 138 4.15 0.29 11.36
N ILE A 139 5.09 0.18 10.42
CA ILE A 139 5.00 0.86 9.13
C ILE A 139 4.94 -0.21 8.05
N ILE A 140 3.95 -0.10 7.16
CA ILE A 140 3.77 -1.08 6.09
C ILE A 140 3.79 -0.34 4.76
N ASN A 141 4.82 -0.60 3.95
CA ASN A 141 4.99 -0.01 2.65
C ASN A 141 4.46 -0.95 1.59
N PHE A 142 4.11 -0.39 0.43
CA PHE A 142 3.68 -1.23 -0.67
C PHE A 142 4.78 -1.31 -1.71
N GLY A 143 5.33 -2.50 -1.85
CA GLY A 143 6.35 -2.77 -2.84
C GLY A 143 5.66 -3.36 -4.05
N SER A 144 6.38 -4.18 -4.80
CA SER A 144 5.75 -4.78 -5.97
C SER A 144 6.61 -5.89 -6.51
N GLU A 145 5.98 -6.88 -7.13
CA GLU A 145 6.73 -7.92 -7.80
C GLU A 145 7.61 -7.29 -8.88
N SER A 146 7.16 -6.18 -9.45
CA SER A 146 7.95 -5.48 -10.47
C SER A 146 9.28 -5.01 -9.90
N GLY A 147 9.32 -4.69 -8.60
CA GLY A 147 10.56 -4.25 -7.96
C GLY A 147 11.67 -5.28 -7.96
N LEU A 148 11.34 -6.53 -8.26
CA LEU A 148 12.36 -7.57 -8.33
C LEU A 148 13.04 -7.48 -9.69
N THR A 149 12.28 -7.64 -10.77
CA THR A 149 12.77 -7.43 -12.13
C THR A 149 11.74 -6.60 -12.90
N GLY A 150 10.50 -7.06 -12.93
CA GLY A 150 9.46 -6.34 -13.64
C GLY A 150 9.30 -6.74 -15.09
N GLU A 151 8.31 -6.09 -15.72
CA GLU A 151 7.84 -6.43 -17.05
C GLU A 151 8.42 -5.57 -18.18
N ILE A 152 8.13 -6.02 -19.41
CA ILE A 152 8.47 -5.28 -20.60
C ILE A 152 7.76 -3.93 -20.54
N ASN A 153 8.47 -2.88 -20.98
CA ASN A 153 7.97 -1.50 -20.95
C ASN A 153 7.59 -1.05 -19.55
N ASN A 154 8.21 -1.62 -18.52
CA ASN A 154 7.88 -1.23 -17.15
C ASN A 154 9.11 -1.01 -16.28
N ALA A 155 10.28 -0.77 -16.88
CA ALA A 155 11.50 -0.57 -16.09
C ALA A 155 11.37 0.58 -15.10
N LEU A 156 10.73 1.69 -15.51
CA LEU A 156 10.62 2.86 -14.64
C LEU A 156 9.87 2.53 -13.34
N TYR A 157 8.66 1.98 -13.45
CA TYR A 157 7.90 1.60 -12.26
C TYR A 157 8.66 0.58 -11.44
N SER A 158 9.20 -0.44 -12.11
CA SER A 158 9.97 -1.47 -11.44
C SER A 158 11.09 -0.83 -10.61
N ALA A 159 11.79 0.15 -11.18
CA ALA A 159 12.86 0.82 -10.45
C ALA A 159 12.33 1.52 -9.20
N THR A 160 11.17 2.20 -9.28
CA THR A 160 10.65 2.89 -8.10
C THR A 160 10.34 1.91 -6.96
N LYS A 161 9.74 0.76 -7.29
CA LYS A 161 9.40 -0.21 -6.24
C LYS A 161 10.65 -0.88 -5.68
N ALA A 162 11.67 -1.09 -6.51
CA ALA A 162 12.93 -1.62 -5.97
C ALA A 162 13.46 -0.68 -4.90
N ALA A 163 13.33 0.62 -5.13
CA ALA A 163 13.79 1.61 -4.17
C ALA A 163 13.01 1.45 -2.87
N VAL A 164 11.70 1.24 -2.97
CA VAL A 164 10.87 1.05 -1.77
C VAL A 164 11.32 -0.19 -1.01
N HIS A 165 11.59 -1.29 -1.72
CA HIS A 165 12.03 -2.52 -1.07
C HIS A 165 13.29 -2.31 -0.24
N THR A 166 14.33 -1.74 -0.85
CA THR A 166 15.59 -1.51 -0.14
C THR A 166 15.41 -0.46 0.96
N TRP A 167 14.64 0.60 0.68
CA TRP A 167 14.36 1.59 1.71
C TRP A 167 13.82 0.86 2.94
N THR A 168 12.81 0.01 2.72
CA THR A 168 12.18 -0.77 3.79
C THR A 168 13.20 -1.59 4.58
N ARG A 169 14.07 -2.32 3.87
CA ARG A 169 15.09 -3.13 4.53
C ARG A 169 16.05 -2.27 5.34
N ASN A 170 16.44 -1.13 4.78
CA ASN A 170 17.39 -0.24 5.46
C ASN A 170 16.80 0.40 6.72
N VAL A 171 15.65 1.06 6.60
CA VAL A 171 15.10 1.71 7.79
C VAL A 171 14.72 0.68 8.85
N ALA A 172 14.38 -0.55 8.45
CA ALA A 172 14.08 -1.58 9.43
C ALA A 172 15.25 -1.75 10.40
N ARG A 173 16.48 -1.72 9.87
CA ARG A 173 17.64 -1.85 10.73
C ARG A 173 17.87 -0.61 11.58
N GLN A 174 17.64 0.57 11.01
CA GLN A 174 17.87 1.81 11.76
C GLN A 174 16.83 2.05 12.87
N TRP A 175 15.55 1.77 12.60
CA TRP A 175 14.46 2.05 13.53
C TRP A 175 14.07 0.89 14.43
N GLY A 176 14.57 -0.32 14.16
CA GLY A 176 14.28 -1.47 14.99
C GLY A 176 14.62 -1.22 16.45
N PRO A 177 15.80 -0.65 16.73
CA PRO A 177 16.16 -0.36 18.13
C PRO A 177 15.20 0.58 18.83
N ASP A 178 14.42 1.35 18.07
CA ASP A 178 13.39 2.23 18.63
C ASP A 178 12.06 1.54 18.79
N GLY A 179 11.95 0.27 18.38
CA GLY A 179 10.73 -0.50 18.51
C GLY A 179 9.83 -0.46 17.30
N ILE A 180 10.25 0.19 16.21
CA ILE A 180 9.46 0.32 15.00
C ILE A 180 9.82 -0.76 13.98
N ARG A 181 8.80 -1.48 13.50
CA ARG A 181 9.01 -2.49 12.49
C ARG A 181 8.53 -1.92 11.16
N ILE A 182 9.21 -2.29 10.07
CA ILE A 182 8.86 -1.80 8.74
C ILE A 182 8.95 -2.95 7.77
N ASN A 183 7.85 -3.23 7.07
CA ASN A 183 7.76 -4.31 6.09
C ASN A 183 7.10 -3.80 4.81
N ALA A 184 7.24 -4.59 3.75
CA ALA A 184 6.65 -4.25 2.46
C ALA A 184 5.76 -5.38 1.96
N VAL A 185 4.60 -5.00 1.43
CA VAL A 185 3.65 -5.95 0.83
C VAL A 185 3.76 -5.87 -0.69
N LEU A 186 3.72 -7.04 -1.34
CA LEU A 186 3.84 -7.18 -2.79
C LEU A 186 2.57 -7.86 -3.28
N PRO A 187 1.51 -7.10 -3.56
CA PRO A 187 0.24 -7.67 -3.99
C PRO A 187 0.11 -7.83 -5.50
N TYR A 188 -0.68 -8.84 -5.89
CA TYR A 188 -1.01 -9.09 -7.30
C TYR A 188 -2.52 -9.27 -7.33
N MET A 189 -3.24 -8.15 -7.42
CA MET A 189 -4.68 -8.15 -7.31
C MET A 189 -5.34 -7.42 -8.47
N VAL A 190 -6.62 -7.72 -8.65
CA VAL A 190 -7.41 -7.02 -9.65
C VAL A 190 -7.56 -5.59 -9.17
N THR A 191 -7.36 -4.64 -10.06
CA THR A 191 -7.53 -3.23 -9.76
C THR A 191 -8.24 -2.56 -10.92
N PRO A 192 -8.80 -1.36 -10.70
CA PRO A 192 -9.43 -0.63 -11.82
C PRO A 192 -8.56 -0.55 -13.06
N MET A 193 -7.26 -0.25 -12.87
CA MET A 193 -6.36 -0.17 -14.01
C MET A 193 -6.22 -1.52 -14.72
N TYR A 194 -6.19 -2.62 -13.94
CA TYR A 194 -6.12 -3.94 -14.56
C TYR A 194 -7.37 -4.25 -15.36
N VAL A 195 -8.54 -3.90 -14.81
CA VAL A 195 -9.79 -4.13 -15.52
C VAL A 195 -9.81 -3.32 -16.81
N ASP A 196 -9.38 -2.06 -16.74
CA ASP A 196 -9.31 -1.22 -17.92
C ASP A 196 -8.40 -1.86 -18.98
N PHE A 197 -7.24 -2.35 -18.54
CA PHE A 197 -6.33 -3.04 -19.46
C PHE A 197 -7.01 -4.22 -20.14
N ARG A 198 -7.69 -5.07 -19.35
CA ARG A 198 -8.37 -6.22 -19.92
C ARG A 198 -9.43 -5.78 -20.92
N ASN A 199 -10.19 -4.74 -20.57
CA ASN A 199 -11.29 -4.27 -21.42
C ASN A 199 -10.85 -3.69 -22.76
N ALA A 200 -9.63 -3.20 -22.88
CA ALA A 200 -9.17 -2.61 -24.14
C ALA A 200 -8.46 -3.60 -25.05
N LEU A 201 -8.28 -4.85 -24.63
CA LEU A 201 -7.62 -5.84 -25.45
C LEU A 201 -8.59 -6.55 -26.39
N SER A 202 -8.06 -6.96 -27.54
CA SER A 202 -8.86 -7.76 -28.45
C SER A 202 -9.10 -9.12 -27.82
N SER A 203 -10.09 -9.84 -28.35
CA SER A 203 -10.37 -11.17 -27.80
C SER A 203 -9.14 -12.05 -27.86
N GLU A 204 -8.32 -11.89 -28.90
CA GLU A 204 -7.12 -12.71 -29.03
C GLU A 204 -6.11 -12.39 -27.93
N ASP A 205 -5.77 -11.11 -27.79
CA ASP A 205 -4.82 -10.68 -26.78
C ASP A 205 -5.29 -11.03 -25.38
N LEU A 206 -6.60 -11.01 -25.14
CA LEU A 206 -7.10 -11.35 -23.80
C LEU A 206 -6.93 -12.84 -23.51
N ALA A 207 -7.27 -13.69 -24.48
CA ALA A 207 -7.08 -15.13 -24.27
C ALA A 207 -5.62 -15.43 -24.03
N ALA A 208 -4.73 -14.73 -24.74
CA ALA A 208 -3.30 -14.93 -24.58
C ALA A 208 -2.88 -14.57 -23.16
N HIS A 209 -3.29 -13.38 -22.69
CA HIS A 209 -2.99 -12.95 -21.34
C HIS A 209 -3.51 -13.94 -20.31
N ASP A 210 -4.75 -14.41 -20.49
CA ASP A 210 -5.32 -15.34 -19.51
C ASP A 210 -4.52 -16.64 -19.45
N ALA A 211 -4.10 -17.15 -20.61
CA ALA A 211 -3.33 -18.39 -20.62
C ALA A 211 -1.97 -18.19 -19.95
N ALA A 212 -1.33 -17.05 -20.23
CA ALA A 212 -0.03 -16.77 -19.65
C ALA A 212 -0.16 -16.53 -18.14
N THR A 213 -1.23 -15.87 -17.72
CA THR A 213 -1.46 -15.64 -16.30
C THR A 213 -1.78 -16.94 -15.57
N LYS A 214 -2.50 -17.85 -16.25
CA LYS A 214 -2.80 -19.15 -15.65
C LYS A 214 -1.52 -19.92 -15.35
N THR A 215 -0.54 -19.86 -16.24
CA THR A 215 0.72 -20.55 -16.00
C THR A 215 1.60 -19.80 -14.98
N ASP A 216 1.57 -18.47 -15.02
CA ASP A 216 2.39 -17.65 -14.14
C ASP A 216 1.93 -17.62 -12.67
N ILE A 217 0.68 -17.92 -12.38
CA ILE A 217 0.16 -17.87 -11.01
C ILE A 217 -0.23 -19.28 -10.58
N PRO A 218 0.66 -19.99 -9.90
CA PRO A 218 0.37 -21.38 -9.49
C PRO A 218 -0.94 -21.57 -8.73
N LEU A 219 -1.23 -20.74 -7.74
CA LEU A 219 -2.49 -20.87 -6.99
C LEU A 219 -3.63 -20.15 -7.69
N GLY A 220 -4.44 -20.89 -8.44
CA GLY A 220 -5.62 -20.36 -9.09
C GLY A 220 -5.44 -19.78 -10.48
N GLY A 221 -4.22 -19.46 -10.88
CA GLY A 221 -3.98 -18.96 -12.23
C GLY A 221 -4.64 -17.65 -12.57
N LYS A 222 -5.09 -16.88 -11.57
CA LYS A 222 -5.72 -15.58 -11.81
C LYS A 222 -5.24 -14.53 -10.82
N PHE A 223 -5.37 -13.27 -11.23
CA PHE A 223 -5.07 -12.16 -10.33
C PHE A 223 -5.99 -12.32 -9.12
N GLY A 224 -5.48 -12.00 -7.93
CA GLY A 224 -6.30 -12.15 -6.74
C GLY A 224 -7.36 -11.07 -6.57
N ASP A 225 -8.20 -11.30 -5.55
CA ASP A 225 -9.25 -10.37 -5.15
C ASP A 225 -8.79 -9.71 -3.84
N ALA A 226 -8.65 -8.39 -3.87
CA ALA A 226 -8.13 -7.67 -2.71
C ALA A 226 -8.89 -7.99 -1.43
N ASP A 227 -10.23 -7.87 -1.46
CA ASP A 227 -11.02 -8.11 -0.25
C ASP A 227 -10.89 -9.54 0.26
N LYS A 228 -10.80 -10.52 -0.64
CA LYS A 228 -10.71 -11.91 -0.23
C LYS A 228 -9.29 -12.42 0.01
N ASP A 229 -8.36 -12.07 -0.86
CA ASP A 229 -7.01 -12.62 -0.80
C ASP A 229 -5.99 -11.72 -0.13
N LEU A 230 -6.15 -10.40 -0.22
CA LEU A 230 -5.16 -9.52 0.37
C LEU A 230 -5.54 -9.08 1.78
N ALA A 231 -6.81 -8.69 2.00
CA ALA A 231 -7.27 -8.24 3.32
C ALA A 231 -6.73 -9.08 4.48
N PRO A 232 -6.88 -10.42 4.49
CA PRO A 232 -6.42 -11.19 5.66
C PRO A 232 -4.95 -11.02 5.96
N VAL A 233 -4.11 -10.88 4.93
CA VAL A 233 -2.69 -10.67 5.16
C VAL A 233 -2.46 -9.27 5.71
N MET A 234 -3.18 -8.27 5.18
CA MET A 234 -3.02 -6.91 5.69
C MET A 234 -3.41 -6.84 7.16
N VAL A 235 -4.44 -7.58 7.55
CA VAL A 235 -4.84 -7.56 8.95
C VAL A 235 -3.74 -8.17 9.82
N PHE A 236 -3.18 -9.30 9.38
CA PHE A 236 -2.07 -9.91 10.13
C PHE A 236 -0.92 -8.94 10.29
N LEU A 237 -0.47 -8.32 9.18
CA LEU A 237 0.66 -7.39 9.23
C LEU A 237 0.41 -6.23 10.19
N ALA A 238 -0.81 -5.68 10.18
CA ALA A 238 -1.13 -4.55 11.06
C ALA A 238 -1.22 -4.99 12.52
N SER A 239 -1.65 -6.22 12.76
CA SER A 239 -1.85 -6.76 14.10
C SER A 239 -0.53 -7.01 14.83
N ASP A 240 -0.67 -7.25 16.14
CA ASP A 240 0.47 -7.54 16.99
C ASP A 240 1.17 -8.83 16.60
N ALA A 241 0.49 -9.73 15.88
CA ALA A 241 1.06 -11.01 15.48
C ALA A 241 2.37 -10.87 14.71
N SER A 242 2.54 -9.80 13.95
CA SER A 242 3.73 -9.60 13.15
C SER A 242 4.86 -8.87 13.89
N HIS A 243 4.74 -8.70 15.21
CA HIS A 243 5.67 -7.87 15.98
C HIS A 243 7.15 -8.31 15.93
N PHE A 244 7.45 -9.56 15.57
CA PHE A 244 8.84 -10.02 15.48
C PHE A 244 9.37 -10.10 14.05
N MET A 245 8.68 -9.51 13.08
CA MET A 245 9.14 -9.49 11.69
C MET A 245 9.38 -8.06 11.24
N THR A 246 10.52 -7.82 10.59
CA THR A 246 10.80 -6.48 10.10
C THR A 246 11.79 -6.56 8.95
N GLY A 247 11.64 -5.64 8.00
CA GLY A 247 12.49 -5.56 6.83
C GLY A 247 12.21 -6.61 5.79
N GLN A 248 11.03 -7.23 5.84
CA GLN A 248 10.67 -8.29 4.92
C GLN A 248 9.68 -7.85 3.84
N MET A 249 9.62 -8.67 2.81
CA MET A 249 8.70 -8.53 1.69
C MET A 249 7.69 -9.67 1.77
N PHE A 250 6.41 -9.34 1.65
CA PHE A 250 5.31 -10.31 1.73
C PHE A 250 4.55 -10.39 0.42
N PRO A 251 4.89 -11.34 -0.45
CA PRO A 251 4.19 -11.50 -1.73
C PRO A 251 2.84 -12.17 -1.51
N VAL A 252 1.78 -11.47 -1.88
CA VAL A 252 0.41 -11.96 -1.80
C VAL A 252 -0.03 -12.00 -3.26
N ASP A 253 0.42 -13.05 -3.94
CA ASP A 253 0.28 -13.15 -5.39
C ASP A 253 0.03 -14.56 -5.90
N GLY A 254 -0.43 -15.46 -5.05
CA GLY A 254 -0.64 -16.84 -5.46
C GLY A 254 0.58 -17.54 -6.01
N GLY A 255 1.78 -17.09 -5.64
CA GLY A 255 2.99 -17.74 -6.12
C GLY A 255 3.65 -17.11 -7.33
N LEU A 256 3.11 -16.00 -7.86
CA LEU A 256 3.70 -15.36 -9.03
C LEU A 256 5.23 -15.25 -8.97
N ILE A 257 5.76 -14.72 -7.86
CA ILE A 257 7.19 -14.60 -7.65
C ILE A 257 7.52 -15.19 -6.29
N ALA A 258 8.81 -15.42 -6.05
CA ALA A 258 9.28 -15.96 -4.79
C ALA A 258 10.47 -15.15 -4.30
N VAL A 259 10.44 -14.78 -3.01
CA VAL A 259 11.58 -14.10 -2.43
C VAL A 259 12.73 -15.08 -2.29
N ARG A 260 13.94 -14.56 -2.22
CA ARG A 260 15.12 -15.43 -2.07
C ARG A 260 16.10 -14.92 -1.01
S SO4 B . -0.23 2.66 -18.25
O1 SO4 B . -0.62 3.57 -17.18
O2 SO4 B . -1.42 2.18 -18.96
O3 SO4 B . 0.64 3.36 -19.19
O4 SO4 B . 0.50 1.53 -17.67
C ACT C . 1.66 -3.88 -9.01
O ACT C . 0.70 -3.24 -9.54
OXT ACT C . 2.71 -3.42 -8.47
CH3 ACT C . 1.52 -5.43 -9.03
C ACT D . -10.80 9.09 13.62
O ACT D . -11.97 8.92 13.22
OXT ACT D . -10.40 9.66 14.68
CH3 ACT D . -9.66 8.52 12.71
C ACT E . -17.20 5.13 -7.48
O ACT E . -17.40 4.06 -6.85
OXT ACT E . -17.90 6.19 -7.47
CH3 ACT E . -15.93 5.19 -8.38
#